data_1UN6
#
_entry.id   1UN6
#
_cell.length_a   58.598
_cell.length_b   191.593
_cell.length_c   79.770
_cell.angle_alpha   90.00
_cell.angle_beta   101.51
_cell.angle_gamma   90.00
#
_symmetry.space_group_name_H-M   'C 1 2 1'
#
loop_
_entity.id
_entity.type
_entity.pdbx_description
1 polymer 'TRANSCRIPTION FACTOR IIIA'
2 polymer '5S RIBOSOMAL RNA'
3 non-polymer 'ZINC ION'
4 non-polymer 'MAGNESIUM ION'
5 water water
#
loop_
_entity_poly.entity_id
_entity_poly.type
_entity_poly.pdbx_seq_one_letter_code
_entity_poly.pdbx_strand_id
1 'polypeptide(L)'
;MYVCHFENCGKAFKKHNQLKVHQFSHTQQLPYECPHEGCDKRFSLPSRLKRHEKVHAGYPCKKDDSCSFVGKTWTLYLKH
VAECHQD
;
B,C,D
2 'polyribonucleotide' GCCGGCCACACCUACGGGGCCUGGUUAGUACCUGGGAAACCUGGGAAUACCAGGUGCCGGC E,F
#
# COMPACT_ATOMS: atom_id res chain seq x y z
N MET A 1 10.32 12.14 -3.05
CA MET A 1 9.96 11.80 -1.65
C MET A 1 9.68 13.08 -0.89
N TYR A 2 9.15 12.95 0.33
CA TYR A 2 8.87 14.12 1.16
C TYR A 2 9.60 14.03 2.48
N VAL A 3 10.62 14.86 2.62
CA VAL A 3 11.44 14.89 3.82
C VAL A 3 10.88 15.74 4.97
N CYS A 4 11.10 15.28 6.19
CA CYS A 4 10.65 16.01 7.36
C CYS A 4 11.83 16.77 7.94
N HIS A 5 11.90 18.08 7.72
CA HIS A 5 13.04 18.86 8.21
C HIS A 5 13.00 19.30 9.66
N PHE A 6 12.26 18.56 10.50
CA PHE A 6 12.24 18.93 11.90
C PHE A 6 13.67 18.75 12.42
N GLU A 7 13.90 19.02 13.69
CA GLU A 7 15.23 18.86 14.24
C GLU A 7 15.47 17.43 14.68
N ASN A 8 16.51 16.81 14.13
CA ASN A 8 16.84 15.44 14.46
C ASN A 8 16.01 14.38 13.74
N CYS A 9 15.26 14.81 12.71
CA CYS A 9 14.48 13.86 11.93
C CYS A 9 15.19 13.65 10.59
N GLY A 10 14.54 13.92 9.48
CA GLY A 10 15.20 13.75 8.20
C GLY A 10 14.54 12.62 7.45
N LYS A 11 13.59 12.00 8.14
CA LYS A 11 12.85 10.88 7.57
C LYS A 11 12.10 11.32 6.33
N ALA A 12 12.06 10.45 5.33
CA ALA A 12 11.37 10.72 4.06
C ALA A 12 10.08 9.89 3.93
N PHE A 13 9.15 10.36 3.11
CA PHE A 13 7.89 9.65 2.91
C PHE A 13 7.48 9.61 1.46
N LYS A 14 6.64 8.62 1.12
CA LYS A 14 6.15 8.43 -0.24
C LYS A 14 5.10 9.46 -0.63
N LYS A 15 4.06 9.57 0.18
CA LYS A 15 3.00 10.55 -0.06
C LYS A 15 3.17 11.66 0.99
N HIS A 16 2.82 12.89 0.63
CA HIS A 16 2.99 13.98 1.55
C HIS A 16 2.00 14.02 2.70
N ASN A 17 0.86 13.36 2.55
CA ASN A 17 -0.09 13.35 3.67
C ASN A 17 0.50 12.54 4.84
N GLN A 18 1.42 11.64 4.51
CA GLN A 18 2.04 10.82 5.51
C GLN A 18 2.97 11.69 6.34
N LEU A 19 3.66 12.61 5.66
CA LEU A 19 4.60 13.54 6.31
C LEU A 19 3.80 14.40 7.27
N LYS A 20 2.56 14.69 6.90
CA LYS A 20 1.72 15.48 7.76
C LYS A 20 1.41 14.70 9.02
N VAL A 21 0.82 13.51 8.86
CA VAL A 21 0.43 12.68 9.99
C VAL A 21 1.57 12.52 10.97
N HIS A 22 2.74 12.29 10.40
CA HIS A 22 3.98 12.12 11.17
C HIS A 22 4.23 13.22 12.19
N GLN A 23 4.03 14.46 11.79
CA GLN A 23 4.26 15.62 12.64
C GLN A 23 3.93 15.50 14.11
N PHE A 24 2.76 14.96 14.40
CA PHE A 24 2.32 14.81 15.78
C PHE A 24 3.47 14.36 16.71
N SER A 25 4.37 13.53 16.19
CA SER A 25 5.49 13.02 16.98
C SER A 25 6.43 14.15 17.39
N HIS A 26 6.31 15.31 16.74
CA HIS A 26 7.16 16.45 17.06
C HIS A 26 6.42 17.57 17.80
N THR A 27 5.10 17.50 17.90
CA THR A 27 4.37 18.57 18.56
C THR A 27 3.29 18.16 19.55
N GLN A 28 2.61 17.05 19.26
CA GLN A 28 1.51 16.54 20.09
C GLN A 28 0.26 17.29 19.66
N GLN A 29 0.43 18.15 18.66
CA GLN A 29 -0.68 18.93 18.14
C GLN A 29 -1.27 18.18 16.95
N LEU A 30 -2.53 17.77 17.08
CA LEU A 30 -3.21 17.02 16.02
C LEU A 30 -3.27 17.80 14.70
N PRO A 31 -2.63 17.25 13.64
CA PRO A 31 -2.52 17.76 12.27
C PRO A 31 -3.75 18.20 11.48
N TYR A 32 -4.94 17.76 11.87
CA TYR A 32 -6.13 18.13 11.10
C TYR A 32 -7.18 18.93 11.83
N GLU A 33 -7.69 19.98 11.17
CA GLU A 33 -8.71 20.85 11.76
C GLU A 33 -9.96 20.77 10.90
N CYS A 34 -11.11 20.84 11.53
CA CYS A 34 -12.35 20.80 10.77
C CYS A 34 -12.54 22.16 10.09
N PRO A 35 -12.64 22.16 8.75
CA PRO A 35 -12.83 23.38 7.97
C PRO A 35 -14.07 24.17 8.41
N HIS A 36 -15.15 23.44 8.70
CA HIS A 36 -16.42 24.02 9.11
C HIS A 36 -16.30 25.14 10.13
N GLU A 37 -16.91 26.26 9.81
CA GLU A 37 -16.89 27.44 10.66
C GLU A 37 -17.47 27.18 12.04
N GLY A 38 -16.70 27.54 13.07
CA GLY A 38 -17.17 27.35 14.42
C GLY A 38 -16.86 26.01 15.06
N CYS A 39 -16.16 25.13 14.35
CA CYS A 39 -15.82 23.81 14.90
C CYS A 39 -14.32 23.70 15.15
N ASP A 40 -13.95 23.60 16.41
CA ASP A 40 -12.55 23.52 16.80
C ASP A 40 -12.09 22.12 17.19
N LYS A 41 -12.49 21.13 16.41
CA LYS A 41 -12.09 19.75 16.65
C LYS A 41 -10.96 19.43 15.71
N ARG A 42 -10.05 18.55 16.13
CA ARG A 42 -8.91 18.20 15.30
C ARG A 42 -8.77 16.69 15.15
N PHE A 43 -7.97 16.24 14.20
CA PHE A 43 -7.83 14.81 13.97
C PHE A 43 -6.43 14.32 13.65
N SER A 44 -6.17 13.11 14.11
CA SER A 44 -4.90 12.42 13.98
C SER A 44 -4.58 11.95 12.57
N LEU A 45 -5.62 11.64 11.82
CA LEU A 45 -5.49 11.17 10.44
C LEU A 45 -6.55 11.85 9.57
N PRO A 46 -6.37 11.82 8.24
CA PRO A 46 -7.32 12.42 7.30
C PRO A 46 -8.68 11.74 7.30
N SER A 47 -8.67 10.42 7.22
CA SER A 47 -9.94 9.70 7.18
C SER A 47 -10.78 10.00 8.41
N ARG A 48 -10.14 10.26 9.54
CA ARG A 48 -10.93 10.55 10.73
C ARG A 48 -11.62 11.89 10.64
N LEU A 49 -10.99 12.84 9.96
CA LEU A 49 -11.57 14.16 9.77
C LEU A 49 -12.74 14.02 8.79
N LYS A 50 -12.50 13.30 7.70
CA LYS A 50 -13.52 13.10 6.69
C LYS A 50 -14.80 12.45 7.23
N ARG A 51 -14.64 11.48 8.12
CA ARG A 51 -15.79 10.80 8.69
C ARG A 51 -16.52 11.76 9.61
N HIS A 52 -15.78 12.72 10.15
CA HIS A 52 -16.35 13.69 11.07
C HIS A 52 -17.20 14.73 10.37
N GLU A 53 -16.86 15.05 9.13
CA GLU A 53 -17.58 16.06 8.40
C GLU A 53 -19.05 15.69 8.19
N LYS A 54 -19.33 14.38 8.09
CA LYS A 54 -20.69 13.91 7.86
C LYS A 54 -21.69 14.49 8.87
N VAL A 55 -21.20 14.88 10.03
CA VAL A 55 -22.04 15.44 11.06
C VAL A 55 -22.47 16.85 10.63
N HIS A 56 -21.62 17.52 9.86
CA HIS A 56 -21.95 18.85 9.36
C HIS A 56 -22.91 18.80 8.17
N ALA A 57 -23.06 17.65 7.53
CA ALA A 57 -23.96 17.55 6.40
C ALA A 57 -25.41 17.15 6.77
N GLY A 58 -25.69 16.99 8.05
CA GLY A 58 -27.03 16.60 8.41
C GLY A 58 -27.36 15.14 8.08
N TYR A 59 -28.58 14.74 8.45
CA TYR A 59 -29.06 13.38 8.26
C TYR A 59 -30.51 13.45 7.80
N PRO A 60 -30.72 13.52 6.48
CA PRO A 60 -32.04 13.60 5.85
C PRO A 60 -32.88 12.38 6.13
N CYS A 61 -34.19 12.59 6.26
CA CYS A 61 -35.11 11.51 6.51
C CYS A 61 -35.63 11.03 5.15
N LYS A 62 -34.96 10.04 4.59
CA LYS A 62 -35.38 9.49 3.29
C LYS A 62 -36.43 8.43 3.60
N LYS A 63 -37.41 8.78 4.42
CA LYS A 63 -38.42 7.84 4.84
C LYS A 63 -39.79 7.92 4.16
N ASP A 64 -40.12 9.07 3.55
CA ASP A 64 -41.43 9.19 2.90
C ASP A 64 -41.64 10.17 1.75
N ASP A 65 -40.65 11.03 1.46
CA ASP A 65 -40.80 12.01 0.37
C ASP A 65 -41.76 13.13 0.77
N SER A 66 -42.55 12.89 1.81
CA SER A 66 -43.47 13.91 2.30
C SER A 66 -42.76 14.52 3.51
N CYS A 67 -41.83 13.75 4.09
CA CYS A 67 -41.04 14.18 5.24
C CYS A 67 -39.71 14.77 4.80
N SER A 68 -39.46 15.99 5.25
CA SER A 68 -38.25 16.72 4.90
C SER A 68 -37.42 16.99 6.15
N PHE A 69 -37.39 16.02 7.06
CA PHE A 69 -36.64 16.14 8.31
C PHE A 69 -35.15 16.09 7.98
N VAL A 70 -34.35 16.72 8.83
CA VAL A 70 -32.92 16.71 8.65
C VAL A 70 -32.28 16.77 10.02
N GLY A 71 -31.91 15.63 10.55
CA GLY A 71 -31.30 15.62 11.86
C GLY A 71 -29.90 16.20 11.96
N LYS A 72 -29.64 16.91 13.05
CA LYS A 72 -28.33 17.50 13.30
C LYS A 72 -27.33 16.39 13.60
N THR A 73 -27.84 15.34 14.24
CA THR A 73 -27.04 14.20 14.66
C THR A 73 -27.64 12.83 14.32
N TRP A 74 -26.82 11.79 14.30
CA TRP A 74 -27.33 10.45 13.98
C TRP A 74 -28.38 9.96 15.00
N THR A 75 -28.09 10.16 16.28
CA THR A 75 -29.04 9.77 17.30
C THR A 75 -30.36 10.51 17.04
N LEU A 76 -30.23 11.83 16.89
CA LEU A 76 -31.37 12.71 16.65
C LEU A 76 -32.18 12.26 15.48
N TYR A 77 -31.53 11.79 14.42
CA TYR A 77 -32.30 11.32 13.28
C TYR A 77 -33.06 10.06 13.71
N LEU A 78 -32.40 9.15 14.45
CA LEU A 78 -33.07 7.93 14.89
C LEU A 78 -34.24 8.24 15.81
N LYS A 79 -34.02 9.11 16.80
CA LYS A 79 -35.08 9.49 17.75
C LYS A 79 -36.29 9.95 16.97
N HIS A 80 -36.04 10.73 15.92
CA HIS A 80 -37.06 11.24 15.04
C HIS A 80 -37.87 10.12 14.40
N VAL A 81 -37.21 9.07 13.94
CA VAL A 81 -37.93 7.99 13.31
C VAL A 81 -38.83 7.36 14.32
N ALA A 82 -38.24 7.02 15.46
CA ALA A 82 -38.94 6.39 16.57
C ALA A 82 -40.17 7.18 16.98
N GLU A 83 -40.07 8.50 16.90
CA GLU A 83 -41.15 9.37 17.29
C GLU A 83 -42.08 9.81 16.15
N CYS A 84 -41.73 9.53 14.90
CA CYS A 84 -42.55 9.97 13.78
C CYS A 84 -42.92 8.93 12.74
N HIS A 85 -42.35 7.74 12.80
CA HIS A 85 -42.66 6.70 11.81
C HIS A 85 -42.66 5.31 12.43
N GLN A 86 -43.72 4.96 13.13
CA GLN A 86 -43.81 3.65 13.76
C GLN A 86 -45.22 3.06 13.63
N ASP A 87 -45.36 1.81 13.68
N MET B 1 -12.27 -16.70 -14.64
CA MET B 1 -11.33 -15.64 -14.19
C MET B 1 -10.29 -16.18 -13.23
N TYR B 2 -9.15 -15.48 -13.16
CA TYR B 2 -8.04 -15.86 -12.29
C TYR B 2 -7.70 -14.71 -11.36
N VAL B 3 -7.83 -14.96 -10.07
CA VAL B 3 -7.56 -13.95 -9.06
C VAL B 3 -6.46 -14.38 -8.10
N CYS B 4 -5.60 -13.44 -7.73
CA CYS B 4 -4.52 -13.72 -6.80
C CYS B 4 -4.93 -13.33 -5.39
N HIS B 5 -4.28 -13.92 -4.41
CA HIS B 5 -4.60 -13.63 -3.02
C HIS B 5 -3.34 -13.28 -2.25
N PHE B 6 -2.26 -13.01 -2.96
CA PHE B 6 -0.99 -12.67 -2.33
C PHE B 6 -1.22 -12.10 -0.93
N GLU B 7 -1.84 -10.93 -0.90
CA GLU B 7 -2.15 -10.24 0.35
C GLU B 7 -3.47 -9.54 0.08
N ASN B 8 -4.44 -10.33 -0.37
CA ASN B 8 -5.77 -9.85 -0.70
C ASN B 8 -5.70 -8.88 -1.89
N CYS B 9 -4.70 -9.12 -2.75
CA CYS B 9 -4.47 -8.30 -3.95
C CYS B 9 -5.75 -8.02 -4.75
N GLY B 10 -6.61 -9.02 -4.85
CA GLY B 10 -7.84 -8.83 -5.59
C GLY B 10 -7.67 -8.95 -7.09
N LYS B 11 -6.76 -8.17 -7.68
CA LYS B 11 -6.49 -8.19 -9.12
C LYS B 11 -7.02 -9.43 -9.83
N ALA B 12 -7.86 -9.21 -10.85
CA ALA B 12 -8.44 -10.30 -11.61
C ALA B 12 -7.86 -10.39 -13.02
N PHE B 13 -7.38 -11.58 -13.37
CA PHE B 13 -6.78 -11.81 -14.69
C PHE B 13 -7.57 -12.85 -15.48
N LYS B 14 -7.60 -12.64 -16.79
CA LYS B 14 -8.31 -13.52 -17.74
C LYS B 14 -7.60 -14.87 -17.92
N LYS B 15 -6.29 -14.81 -18.12
CA LYS B 15 -5.46 -15.99 -18.31
C LYS B 15 -4.49 -16.19 -17.14
N HIS B 16 -4.35 -17.43 -16.67
CA HIS B 16 -3.48 -17.71 -15.54
C HIS B 16 -2.00 -17.42 -15.75
N ASN B 17 -1.64 -17.02 -16.97
CA ASN B 17 -0.26 -16.67 -17.23
C ASN B 17 -0.08 -15.24 -16.76
N GLN B 18 -1.05 -14.40 -17.10
CA GLN B 18 -1.03 -13.00 -16.71
C GLN B 18 -0.88 -12.92 -15.20
N LEU B 19 -1.52 -13.86 -14.51
CA LEU B 19 -1.49 -13.92 -13.06
C LEU B 19 -0.07 -14.15 -12.55
N LYS B 20 0.46 -15.33 -12.84
CA LYS B 20 1.81 -15.71 -12.45
C LYS B 20 2.78 -14.58 -12.73
N VAL B 21 2.73 -14.07 -13.96
CA VAL B 21 3.58 -12.97 -14.37
C VAL B 21 3.50 -11.83 -13.35
N HIS B 22 2.28 -11.52 -12.95
CA HIS B 22 2.02 -10.44 -11.99
C HIS B 22 2.63 -10.67 -10.60
N GLN B 23 3.07 -11.89 -10.29
CA GLN B 23 3.67 -12.15 -8.98
C GLN B 23 5.07 -11.60 -8.85
N PHE B 24 5.53 -10.89 -9.89
CA PHE B 24 6.86 -10.30 -9.87
C PHE B 24 6.87 -9.17 -8.83
N SER B 25 5.88 -8.30 -8.94
CA SER B 25 5.73 -7.19 -8.02
C SER B 25 5.77 -7.74 -6.60
N HIS B 26 4.73 -8.47 -6.20
CA HIS B 26 4.70 -9.10 -4.89
C HIS B 26 5.98 -9.96 -4.88
N THR B 27 6.50 -10.29 -3.70
CA THR B 27 7.75 -11.08 -3.61
C THR B 27 8.81 -10.44 -4.53
N GLN B 28 9.44 -11.25 -5.37
CA GLN B 28 10.44 -10.73 -6.28
C GLN B 28 10.98 -11.73 -7.29
N GLN B 29 11.11 -12.98 -6.87
CA GLN B 29 11.61 -14.02 -7.76
C GLN B 29 10.99 -13.89 -9.15
N LEU B 30 11.83 -13.97 -10.18
CA LEU B 30 11.31 -13.91 -11.54
C LEU B 30 10.56 -15.24 -11.70
N PRO B 31 9.25 -15.17 -11.94
CA PRO B 31 8.38 -16.36 -12.11
C PRO B 31 8.88 -17.48 -13.02
N TYR B 32 9.16 -17.16 -14.28
CA TYR B 32 9.60 -18.16 -15.25
C TYR B 32 11.04 -18.66 -15.08
N GLU B 33 11.14 -19.96 -14.85
CA GLU B 33 12.40 -20.67 -14.62
C GLU B 33 12.79 -21.52 -15.84
N CYS B 34 14.04 -21.94 -15.92
CA CYS B 34 14.47 -22.76 -17.06
C CYS B 34 14.60 -24.25 -16.74
N PRO B 35 13.99 -25.09 -17.59
CA PRO B 35 13.97 -26.56 -17.50
C PRO B 35 15.26 -27.29 -17.88
N HIS B 36 16.06 -26.69 -18.74
CA HIS B 36 17.29 -27.33 -19.15
C HIS B 36 18.11 -27.64 -17.91
N GLU B 37 18.84 -28.75 -17.95
CA GLU B 37 19.67 -29.19 -16.85
C GLU B 37 20.74 -28.18 -16.45
N GLY B 38 20.88 -27.94 -15.15
CA GLY B 38 21.88 -27.02 -14.64
C GLY B 38 21.91 -25.64 -15.28
N CYS B 39 20.77 -24.96 -15.29
CA CYS B 39 20.67 -23.62 -15.85
C CYS B 39 19.77 -22.78 -14.94
N ASP B 40 20.35 -22.28 -13.85
CA ASP B 40 19.61 -21.50 -12.86
C ASP B 40 19.05 -20.18 -13.38
N LYS B 41 18.81 -20.06 -14.68
CA LYS B 41 18.30 -18.82 -15.24
C LYS B 41 16.78 -18.66 -15.12
N ARG B 42 16.36 -17.44 -14.82
CA ARG B 42 14.94 -17.09 -14.66
C ARG B 42 14.57 -15.90 -15.54
N PHE B 43 13.27 -15.76 -15.82
CA PHE B 43 12.80 -14.65 -16.66
C PHE B 43 11.50 -14.02 -16.21
N SER B 44 11.17 -12.89 -16.85
CA SER B 44 9.98 -12.12 -16.52
C SER B 44 8.69 -12.68 -17.11
N LEU B 45 8.62 -12.76 -18.44
CA LEU B 45 7.42 -13.28 -19.09
C LEU B 45 7.69 -14.65 -19.69
N PRO B 46 6.64 -15.29 -20.23
CA PRO B 46 6.85 -16.60 -20.82
C PRO B 46 7.42 -16.50 -22.24
N SER B 47 7.10 -15.41 -22.93
CA SER B 47 7.58 -15.22 -24.30
C SER B 47 9.09 -15.10 -24.26
N ARG B 48 9.56 -14.33 -23.28
CA ARG B 48 10.98 -14.09 -23.08
C ARG B 48 11.76 -15.38 -22.79
N LEU B 49 11.06 -16.39 -22.26
CA LEU B 49 11.67 -17.68 -21.96
C LEU B 49 11.75 -18.56 -23.20
N LYS B 50 10.62 -18.69 -23.89
CA LYS B 50 10.52 -19.48 -25.11
C LYS B 50 11.72 -19.17 -26.00
N ARG B 51 12.05 -17.89 -26.09
CA ARG B 51 13.14 -17.41 -26.92
C ARG B 51 14.50 -17.81 -26.39
N HIS B 52 14.62 -17.91 -25.07
CA HIS B 52 15.89 -18.29 -24.47
C HIS B 52 16.21 -19.75 -24.75
N GLU B 53 15.20 -20.61 -24.68
CA GLU B 53 15.39 -22.02 -24.90
C GLU B 53 15.98 -22.33 -26.27
N LYS B 54 15.91 -21.37 -27.17
CA LYS B 54 16.47 -21.56 -28.50
C LYS B 54 17.99 -21.76 -28.38
N VAL B 55 18.51 -21.44 -27.20
CA VAL B 55 19.92 -21.61 -26.91
C VAL B 55 20.20 -23.10 -26.86
N HIS B 56 19.81 -23.73 -25.76
CA HIS B 56 20.00 -25.15 -25.55
C HIS B 56 19.50 -25.95 -26.74
N ALA B 57 18.78 -25.26 -27.63
CA ALA B 57 18.20 -25.88 -28.81
C ALA B 57 19.15 -26.39 -29.91
N GLY B 58 20.05 -25.55 -30.43
CA GLY B 58 20.93 -26.02 -31.48
C GLY B 58 21.57 -25.04 -32.44
N TYR B 59 20.98 -24.84 -33.61
CA TYR B 59 21.48 -23.95 -34.69
C TYR B 59 22.20 -24.82 -35.71
N PRO B 60 21.47 -25.76 -36.33
CA PRO B 60 22.00 -26.68 -37.33
C PRO B 60 22.18 -26.08 -38.72
N CYS B 61 23.33 -26.36 -39.33
CA CYS B 61 23.64 -25.86 -40.65
C CYS B 61 22.86 -26.67 -41.67
N LYS B 62 22.05 -25.98 -42.47
CA LYS B 62 21.21 -26.62 -43.47
C LYS B 62 21.57 -26.09 -44.86
N LYS B 63 22.84 -25.76 -45.06
CA LYS B 63 23.32 -25.22 -46.33
C LYS B 63 23.69 -26.26 -47.37
N ASP B 64 23.61 -27.54 -47.00
CA ASP B 64 23.96 -28.63 -47.90
C ASP B 64 23.93 -29.93 -47.10
N ASP B 65 23.58 -31.02 -47.79
CA ASP B 65 23.52 -32.32 -47.15
C ASP B 65 24.89 -32.71 -46.61
N SER B 66 25.90 -32.63 -47.47
CA SER B 66 27.26 -32.98 -47.08
C SER B 66 27.62 -32.40 -45.72
N CYS B 67 27.13 -31.20 -45.43
CA CYS B 67 27.42 -30.57 -44.14
C CYS B 67 26.37 -30.89 -43.07
N SER B 68 26.87 -31.31 -41.93
CA SER B 68 26.02 -31.68 -40.81
C SER B 68 26.58 -31.02 -39.56
N PHE B 69 26.87 -29.74 -39.71
CA PHE B 69 27.41 -28.93 -38.62
C PHE B 69 26.26 -28.45 -37.74
N VAL B 70 26.57 -28.20 -36.47
CA VAL B 70 25.58 -27.71 -35.52
C VAL B 70 26.31 -26.82 -34.54
N GLY B 71 26.18 -25.50 -34.72
CA GLY B 71 26.84 -24.56 -33.84
C GLY B 71 26.07 -24.39 -32.55
N LYS B 72 26.76 -23.93 -31.51
CA LYS B 72 26.13 -23.72 -30.21
C LYS B 72 25.46 -22.36 -30.06
N THR B 73 25.81 -21.40 -30.91
CA THR B 73 25.23 -20.06 -30.88
C THR B 73 25.04 -19.53 -32.28
N TRP B 74 24.14 -18.56 -32.41
CA TRP B 74 23.84 -17.92 -33.70
C TRP B 74 25.11 -17.34 -34.30
N THR B 75 25.88 -16.65 -33.47
CA THR B 75 27.13 -16.10 -33.94
C THR B 75 27.98 -17.22 -34.54
N LEU B 76 28.16 -18.30 -33.78
CA LEU B 76 28.96 -19.41 -34.25
C LEU B 76 28.42 -20.03 -35.53
N TYR B 77 27.10 -20.22 -35.61
CA TYR B 77 26.52 -20.78 -36.82
C TYR B 77 26.88 -19.86 -37.98
N LEU B 78 26.95 -18.56 -37.72
CA LEU B 78 27.25 -17.62 -38.79
C LEU B 78 28.70 -17.72 -39.22
N LYS B 79 29.63 -17.78 -38.27
CA LYS B 79 31.04 -17.89 -38.62
C LYS B 79 31.20 -19.13 -39.46
N HIS B 80 30.50 -20.20 -39.08
CA HIS B 80 30.58 -21.42 -39.84
C HIS B 80 30.35 -21.10 -41.32
N VAL B 81 29.19 -20.54 -41.64
CA VAL B 81 28.90 -20.18 -43.02
C VAL B 81 29.91 -19.19 -43.58
N ALA B 82 30.47 -18.37 -42.70
CA ALA B 82 31.45 -17.34 -43.11
C ALA B 82 32.68 -17.94 -43.75
N GLU B 83 32.99 -19.18 -43.43
CA GLU B 83 34.16 -19.81 -44.01
C GLU B 83 33.88 -21.05 -44.82
N CYS B 84 33.17 -22.01 -44.24
CA CYS B 84 32.89 -23.26 -44.94
C CYS B 84 32.14 -23.18 -46.26
N HIS B 85 31.31 -22.16 -46.45
CA HIS B 85 30.54 -22.03 -47.70
C HIS B 85 30.69 -20.62 -48.27
N GLN B 86 31.65 -20.43 -49.17
CA GLN B 86 31.91 -19.13 -49.80
C GLN B 86 31.65 -19.19 -51.31
N ASP B 87 31.04 -18.13 -51.85
CA ASP B 87 30.70 -18.03 -53.28
C ASP B 87 29.34 -18.69 -53.59
N LEU C 30 -7.62 24.82 26.33
CA LEU C 30 -6.54 23.79 26.30
C LEU C 30 -6.38 23.20 24.92
N PRO C 31 -5.14 23.19 24.41
CA PRO C 31 -4.79 22.65 23.08
C PRO C 31 -4.75 21.13 22.95
N TYR C 32 -3.64 20.54 23.39
CA TYR C 32 -3.41 19.10 23.33
C TYR C 32 -4.65 18.23 23.52
N GLU C 33 -5.25 17.78 22.41
CA GLU C 33 -6.44 16.93 22.43
C GLU C 33 -5.95 15.48 22.33
N CYS C 34 -6.67 14.53 22.94
CA CYS C 34 -6.25 13.12 22.90
C CYS C 34 -6.47 12.43 21.55
N PRO C 35 -5.40 11.88 20.96
CA PRO C 35 -5.43 11.19 19.67
C PRO C 35 -6.20 9.88 19.51
N HIS C 36 -6.76 9.37 20.61
CA HIS C 36 -7.50 8.09 20.57
C HIS C 36 -8.98 8.31 20.22
N GLU C 37 -9.60 7.31 19.60
CA GLU C 37 -11.00 7.41 19.22
C GLU C 37 -11.93 7.49 20.43
N GLY C 38 -13.12 8.05 20.21
CA GLY C 38 -14.10 8.17 21.27
C GLY C 38 -13.72 9.06 22.44
N CYS C 39 -12.49 9.57 22.45
CA CYS C 39 -12.03 10.43 23.54
C CYS C 39 -11.88 11.91 23.14
N ASP C 40 -12.28 12.81 24.04
CA ASP C 40 -12.19 14.24 23.77
C ASP C 40 -11.67 15.04 24.97
N LYS C 41 -10.68 14.50 25.66
CA LYS C 41 -10.09 15.17 26.82
C LYS C 41 -8.92 16.04 26.40
N ARG C 42 -8.80 17.23 26.99
CA ARG C 42 -7.70 18.12 26.64
C ARG C 42 -6.73 18.24 27.81
N PHE C 43 -5.60 18.87 27.54
CA PHE C 43 -4.58 19.08 28.56
C PHE C 43 -3.79 20.32 28.17
N SER C 44 -2.86 20.73 29.02
CA SER C 44 -2.06 21.92 28.77
C SER C 44 -0.59 21.60 28.55
N LEU C 45 -0.18 20.42 28.96
CA LEU C 45 1.21 19.99 28.82
C LEU C 45 1.34 18.66 28.10
N PRO C 46 2.19 18.61 27.07
CA PRO C 46 2.42 17.41 26.28
C PRO C 46 2.76 16.21 27.16
N SER C 47 3.33 16.49 28.32
CA SER C 47 3.72 15.46 29.27
C SER C 47 2.49 14.78 29.87
N ARG C 48 1.46 15.58 30.14
CA ARG C 48 0.21 15.08 30.71
C ARG C 48 -0.51 14.16 29.73
N LEU C 49 -0.66 14.64 28.50
CA LEU C 49 -1.32 13.87 27.45
C LEU C 49 -0.58 12.55 27.25
N LYS C 50 0.75 12.63 27.15
CA LYS C 50 1.58 11.44 26.94
C LYS C 50 1.40 10.40 28.02
N ARG C 51 1.12 10.86 29.23
CA ARG C 51 0.92 9.98 30.37
C ARG C 51 -0.49 9.40 30.26
N HIS C 52 -1.42 10.26 29.86
CA HIS C 52 -2.82 9.91 29.70
C HIS C 52 -3.04 8.80 28.67
N GLU C 53 -2.29 8.87 27.58
CA GLU C 53 -2.40 7.87 26.52
C GLU C 53 -1.99 6.47 27.00
N LYS C 54 -1.40 6.36 28.20
CA LYS C 54 -0.99 5.04 28.71
C LYS C 54 -2.20 4.17 28.96
N VAL C 55 -3.37 4.78 29.00
CA VAL C 55 -4.61 4.03 29.17
C VAL C 55 -4.93 3.55 27.76
N HIS C 56 -6.22 3.47 27.42
CA HIS C 56 -6.65 3.07 26.08
C HIS C 56 -6.02 1.78 25.53
N ALA C 57 -4.79 1.51 25.94
CA ALA C 57 -4.05 0.35 25.48
C ALA C 57 -3.63 0.73 24.07
N GLY C 58 -2.38 1.13 23.94
CA GLY C 58 -1.79 1.54 22.67
C GLY C 58 -2.27 1.05 21.31
N TYR C 59 -1.46 1.35 20.30
CA TYR C 59 -1.79 1.02 18.92
C TYR C 59 -0.89 -0.09 18.36
N PRO C 60 -1.50 -1.15 17.82
CA PRO C 60 -0.82 -2.31 17.23
C PRO C 60 -0.31 -2.07 15.81
N CYS C 61 0.99 -2.32 15.61
CA CYS C 61 1.61 -2.12 14.30
C CYS C 61 1.00 -2.95 13.18
N LYS C 62 -0.13 -2.49 12.64
CA LYS C 62 -0.72 -3.22 11.53
C LYS C 62 0.07 -2.95 10.27
N LYS C 63 1.40 -2.89 10.41
CA LYS C 63 2.28 -2.66 9.27
C LYS C 63 2.71 -4.04 8.79
N ASP C 64 3.83 -4.12 8.07
CA ASP C 64 4.28 -5.42 7.56
C ASP C 64 4.18 -6.50 8.65
N ASP C 65 3.19 -7.37 8.51
CA ASP C 65 2.94 -8.44 9.48
C ASP C 65 4.11 -9.42 9.69
N SER C 66 4.81 -9.21 10.79
CA SER C 66 5.96 -10.00 11.21
C SER C 66 6.51 -9.33 12.46
N CYS C 67 6.02 -8.10 12.69
CA CYS C 67 6.39 -7.31 13.86
C CYS C 67 5.42 -7.58 15.00
N SER C 68 5.88 -7.38 16.22
CA SER C 68 5.06 -7.62 17.39
C SER C 68 5.06 -6.39 18.30
N PHE C 69 5.26 -5.20 17.71
CA PHE C 69 5.27 -3.99 18.51
C PHE C 69 3.96 -3.21 18.52
N VAL C 70 3.39 -3.09 19.71
CA VAL C 70 2.16 -2.35 19.92
C VAL C 70 2.58 -1.05 20.59
N GLY C 71 2.30 0.07 19.91
CA GLY C 71 2.67 1.36 20.44
C GLY C 71 1.84 1.78 21.64
N LYS C 72 2.53 2.11 22.73
CA LYS C 72 1.88 2.52 23.94
C LYS C 72 1.16 3.86 23.72
N THR C 73 1.69 4.66 22.79
CA THR C 73 1.10 5.96 22.44
C THR C 73 1.24 6.28 20.95
N TRP C 74 0.38 7.18 20.47
CA TRP C 74 0.37 7.59 19.07
C TRP C 74 1.72 8.15 18.66
N THR C 75 2.34 8.93 19.56
CA THR C 75 3.65 9.51 19.27
C THR C 75 4.68 8.39 19.17
N LEU C 76 4.65 7.50 20.15
CA LEU C 76 5.57 6.37 20.18
C LEU C 76 5.28 5.40 19.03
N TYR C 77 4.00 5.26 18.70
CA TYR C 77 3.59 4.37 17.61
C TYR C 77 3.95 5.02 16.26
N LEU C 78 3.88 6.34 16.20
CA LEU C 78 4.20 7.03 14.97
C LEU C 78 5.69 6.86 14.69
N LYS C 79 6.52 7.10 15.71
CA LYS C 79 7.97 6.97 15.57
C LYS C 79 8.35 5.57 15.07
N HIS C 80 7.62 4.57 15.55
CA HIS C 80 7.85 3.20 15.13
C HIS C 80 7.79 3.16 13.62
N VAL C 81 6.57 3.23 13.10
CA VAL C 81 6.31 3.19 11.68
C VAL C 81 7.36 3.90 10.82
N ALA C 82 8.07 4.85 11.42
CA ALA C 82 9.08 5.61 10.69
C ALA C 82 10.51 5.14 10.95
N GLU C 83 10.84 4.96 12.22
CA GLU C 83 12.18 4.53 12.64
C GLU C 83 12.52 3.08 12.32
N CYS C 84 11.53 2.31 11.88
CA CYS C 84 11.72 0.90 11.53
C CYS C 84 11.45 0.64 10.06
N HIS C 85 10.17 0.63 9.69
CA HIS C 85 9.77 0.37 8.31
C HIS C 85 9.71 1.66 7.50
N GLN C 86 10.79 1.94 6.77
CA GLN C 86 10.88 3.14 5.95
C GLN C 86 9.70 3.18 4.96
N ASP C 87 8.83 4.18 5.10
CA ASP C 87 7.65 4.34 4.25
C ASP C 87 7.95 4.46 2.76
#